data_4ZRG
#
_entry.id   4ZRG
#
_cell.length_a   66.373
_cell.length_b   72.314
_cell.length_c   79.405
_cell.angle_alpha   90.00
_cell.angle_beta   90.00
_cell.angle_gamma   90.00
#
_symmetry.space_group_name_H-M   'P 21 21 21'
#
loop_
_entity.id
_entity.type
_entity.pdbx_description
1 polymer S-arrestin
2 non-polymer 'CARBON DIOXIDE'
3 water water
#
_entity_poly.entity_id   1
_entity_poly.type   'polypeptide(L)'
_entity_poly.pdbx_seq_one_letter_code
;WSHPQFEKMKANKPAPNHVIFKKISRDKSVTIYLGKRDYIDHVERVEPVDGVVLVDPELVKGKRVYVSLTCAFRYGQEDI
DVMGLSFRRDLYFSQVQVFPPVGASGATTRLQESLIKKLGANTYPFLLTFPDYLPCSVMLQPAPQDVGKSCGVDFEIKAF
ATHSTDVEEDKIPKKSSVRLLIEKVQHAPRDMGPQPRAEASWQFFMSDKPLRLAVSLSKEIYYHGEPIPVTVAVTNSTEK
TVKKIKVLVEQVTNVVLYSSDYYIKTVAAEEAQEKVPPNSSLTKTLTLVPLLANNRERRGIALDGKIKHEDTNLASSTII
KEGIDKTVMGILVSYQIKVKLTVSGLLGELTSSEVATEVPFRLMHPQPEDPDTAKESFQDENFVFEEFARQNLKDAGEYK
EEKTDQEAAMDEHHHHHH
;
_entity_poly.pdbx_strand_id   A
#
# COMPACT_ATOMS: atom_id res chain seq x y z
N VAL A 19 -15.13 2.85 16.12
CA VAL A 19 -16.50 2.35 15.94
C VAL A 19 -16.54 0.82 15.94
N ILE A 20 -16.96 0.26 17.06
CA ILE A 20 -17.09 -1.19 17.19
C ILE A 20 -18.15 -1.72 16.22
N PHE A 21 -17.76 -2.65 15.37
CA PHE A 21 -18.70 -3.21 14.40
C PHE A 21 -18.72 -4.74 14.45
N LYS A 22 -19.88 -5.30 14.12
CA LYS A 22 -20.10 -6.74 14.24
C LYS A 22 -20.62 -7.33 12.93
N LYS A 23 -20.57 -8.66 12.84
CA LYS A 23 -21.22 -9.36 11.76
C LYS A 23 -21.79 -10.70 12.25
N ILE A 24 -23.05 -10.96 11.90
CA ILE A 24 -23.73 -12.17 12.31
C ILE A 24 -23.78 -13.16 11.16
N SER A 25 -23.63 -14.44 11.47
CA SER A 25 -23.71 -15.48 10.44
C SER A 25 -25.16 -15.69 10.02
N ARG A 26 -25.35 -16.37 8.90
CA ARG A 26 -26.67 -16.59 8.33
C ARG A 26 -27.57 -17.41 9.25
N ASP A 27 -26.99 -18.39 9.92
CA ASP A 27 -27.75 -19.24 10.85
C ASP A 27 -27.73 -18.69 12.27
N LYS A 28 -27.18 -17.48 12.42
CA LYS A 28 -27.18 -16.74 13.68
C LYS A 28 -26.46 -17.47 14.83
N SER A 29 -25.58 -18.41 14.50
CA SER A 29 -24.88 -19.18 15.51
C SER A 29 -23.56 -18.52 15.90
N VAL A 30 -22.87 -17.97 14.91
CA VAL A 30 -21.57 -17.34 15.14
C VAL A 30 -21.62 -15.85 14.80
N THR A 31 -21.40 -15.02 15.81
CA THR A 31 -21.33 -13.58 15.58
C THR A 31 -19.95 -13.09 15.96
N ILE A 32 -19.39 -12.20 15.16
CA ILE A 32 -18.04 -11.71 15.42
C ILE A 32 -18.00 -10.19 15.58
N TYR A 33 -17.29 -9.73 16.61
CA TYR A 33 -17.16 -8.33 16.92
C TYR A 33 -15.71 -7.88 16.79
N LEU A 34 -15.51 -6.76 16.10
CA LEU A 34 -14.21 -6.13 16.01
C LEU A 34 -14.30 -4.67 16.42
N GLY A 35 -13.22 -4.13 16.93
CA GLY A 35 -13.18 -2.75 17.40
C GLY A 35 -12.89 -1.76 16.30
N LYS A 36 -12.15 -2.21 15.28
CA LYS A 36 -11.80 -1.38 14.14
C LYS A 36 -11.48 -2.20 12.90
N ARG A 37 -11.46 -1.55 11.75
CA ARG A 37 -11.22 -2.23 10.48
C ARG A 37 -9.81 -1.97 9.97
N ASP A 38 -9.23 -0.85 10.39
CA ASP A 38 -7.87 -0.49 9.99
C ASP A 38 -6.87 -0.82 11.08
N TYR A 39 -5.84 -1.59 10.73
CA TYR A 39 -4.81 -1.97 11.69
C TYR A 39 -3.45 -1.41 11.29
N ILE A 40 -2.83 -0.69 12.21
CA ILE A 40 -1.64 0.10 11.90
C ILE A 40 -0.34 -0.70 11.91
N ASP A 41 0.34 -0.72 10.77
CA ASP A 41 1.69 -1.19 10.65
C ASP A 41 2.53 0.05 10.61
N HIS A 42 3.45 0.19 11.56
CA HIS A 42 4.43 1.24 11.54
C HIS A 42 5.83 0.67 11.60
N VAL A 43 6.03 -0.45 10.97
CA VAL A 43 7.35 -1.00 10.80
C VAL A 43 7.85 -1.55 12.10
N GLU A 44 7.75 -0.77 13.16
CA GLU A 44 8.18 -1.25 14.47
C GLU A 44 7.34 -2.39 14.98
N ARG A 45 6.06 -2.29 14.76
CA ARG A 45 5.15 -3.34 15.11
C ARG A 45 3.88 -3.18 14.34
N VAL A 46 2.99 -4.16 14.46
CA VAL A 46 1.70 -4.09 13.82
C VAL A 46 0.65 -4.30 14.86
N GLU A 47 -0.34 -3.46 14.85
CA GLU A 47 -1.46 -3.60 15.78
C GLU A 47 -2.13 -4.95 15.57
N PRO A 48 -2.25 -5.75 16.65
CA PRO A 48 -2.84 -7.08 16.58
C PRO A 48 -4.34 -6.98 16.36
N VAL A 49 -4.95 -8.04 15.84
CA VAL A 49 -6.38 -8.07 15.69
C VAL A 49 -7.03 -8.70 16.92
N ASP A 50 -7.40 -7.86 17.88
CA ASP A 50 -8.14 -8.30 19.05
C ASP A 50 -9.64 -8.14 18.78
N GLY A 51 -10.39 -9.22 18.99
CA GLY A 51 -11.81 -9.18 18.77
C GLY A 51 -12.51 -10.17 19.67
N VAL A 52 -13.80 -10.35 19.44
CA VAL A 52 -14.58 -11.25 20.28
C VAL A 52 -15.60 -12.03 19.44
N VAL A 53 -16.02 -13.19 19.91
CA VAL A 53 -17.00 -14.00 19.20
C VAL A 53 -18.13 -14.43 20.13
N LEU A 54 -19.34 -13.98 19.82
CA LEU A 54 -20.53 -14.37 20.56
C LEU A 54 -21.21 -15.54 19.86
N VAL A 55 -21.36 -16.64 20.57
CA VAL A 55 -21.98 -17.83 20.00
C VAL A 55 -23.35 -18.11 20.61
N ASP A 56 -24.19 -18.80 19.85
CA ASP A 56 -25.43 -19.35 20.38
C ASP A 56 -25.17 -20.78 20.82
N PRO A 57 -25.10 -21.00 22.14
CA PRO A 57 -24.71 -22.30 22.71
C PRO A 57 -25.60 -23.44 22.25
N GLU A 58 -26.84 -23.14 21.88
CA GLU A 58 -27.76 -24.15 21.38
C GLU A 58 -27.32 -24.66 20.00
N LEU A 59 -26.81 -23.76 19.18
CA LEU A 59 -26.45 -24.09 17.81
C LEU A 59 -25.02 -24.60 17.66
N VAL A 60 -24.11 -24.11 18.49
CA VAL A 60 -22.72 -24.53 18.40
C VAL A 60 -22.44 -25.71 19.32
N LYS A 61 -23.51 -26.29 19.87
CA LYS A 61 -23.38 -27.45 20.77
C LYS A 61 -22.85 -28.66 20.01
N GLY A 62 -21.70 -29.17 20.47
CA GLY A 62 -21.07 -30.30 19.84
C GLY A 62 -20.15 -29.88 18.71
N LYS A 63 -20.13 -28.58 18.42
CA LYS A 63 -19.29 -28.06 17.36
C LYS A 63 -18.05 -27.37 17.91
N ARG A 64 -17.17 -26.95 17.01
CA ARG A 64 -16.02 -26.14 17.37
C ARG A 64 -16.08 -24.82 16.60
N VAL A 65 -15.72 -23.73 17.26
CA VAL A 65 -15.69 -22.43 16.60
C VAL A 65 -14.26 -21.89 16.57
N TYR A 66 -13.79 -21.61 15.35
CA TYR A 66 -12.45 -21.09 15.11
C TYR A 66 -12.52 -19.66 14.59
N VAL A 67 -11.43 -18.92 14.78
CA VAL A 67 -11.26 -17.60 14.17
C VAL A 67 -9.91 -17.57 13.47
N SER A 68 -9.90 -17.08 12.23
CA SER A 68 -8.71 -17.11 11.41
C SER A 68 -8.34 -15.74 10.85
N LEU A 69 -7.05 -15.51 10.70
CA LEU A 69 -6.53 -14.34 10.00
C LEU A 69 -5.85 -14.81 8.74
N THR A 70 -6.17 -14.18 7.61
CA THR A 70 -5.56 -14.55 6.34
C THR A 70 -5.07 -13.34 5.58
N CYS A 71 -3.82 -13.39 5.13
CA CYS A 71 -3.29 -12.41 4.20
C CYS A 71 -3.03 -13.07 2.85
N ALA A 72 -3.80 -12.71 1.84
CA ALA A 72 -3.69 -13.37 0.55
C ALA A 72 -3.35 -12.41 -0.59
N PHE A 73 -2.42 -12.82 -1.44
CA PHE A 73 -2.19 -12.13 -2.70
C PHE A 73 -3.04 -12.79 -3.78
N ARG A 74 -3.85 -12.01 -4.47
CA ARG A 74 -4.66 -12.52 -5.54
C ARG A 74 -4.31 -11.91 -6.88
N TYR A 75 -4.45 -12.68 -7.95
CA TYR A 75 -4.18 -12.18 -9.28
C TYR A 75 -5.28 -12.69 -10.15
N GLY A 76 -6.00 -11.81 -10.80
CA GLY A 76 -7.12 -12.22 -11.62
C GLY A 76 -8.41 -11.58 -11.22
N GLY A 84 -12.59 -18.35 -15.77
CA GLY A 84 -11.72 -17.25 -15.42
C GLY A 84 -10.37 -17.71 -14.89
N LEU A 85 -9.34 -16.91 -15.08
CA LEU A 85 -8.01 -17.24 -14.63
C LEU A 85 -7.73 -16.66 -13.24
N SER A 86 -7.11 -17.43 -12.38
CA SER A 86 -6.95 -17.03 -11.01
C SER A 86 -5.80 -17.61 -10.30
N PHE A 87 -5.22 -16.79 -9.46
CA PHE A 87 -4.13 -17.18 -8.65
C PHE A 87 -4.31 -16.59 -7.28
N ARG A 88 -3.93 -17.35 -6.28
CA ARG A 88 -3.97 -16.90 -4.90
C ARG A 88 -2.83 -17.52 -4.11
N ARG A 89 -2.09 -16.69 -3.39
CA ARG A 89 -1.12 -17.21 -2.44
C ARG A 89 -1.40 -16.68 -1.04
N ASP A 90 -1.46 -17.58 -0.06
CA ASP A 90 -1.60 -17.17 1.33
C ASP A 90 -0.26 -16.68 1.86
N LEU A 91 -0.12 -15.37 1.99
CA LEU A 91 1.12 -14.79 2.48
C LEU A 91 1.27 -15.01 3.99
N TYR A 92 0.15 -15.16 4.67
CA TYR A 92 0.13 -15.49 6.08
C TYR A 92 -1.19 -16.10 6.49
N PHE A 93 -1.16 -17.06 7.41
CA PHE A 93 -2.37 -17.66 7.95
C PHE A 93 -2.22 -17.99 9.43
N SER A 94 -3.21 -17.60 10.23
CA SER A 94 -3.22 -17.93 11.64
C SER A 94 -4.62 -18.34 12.05
N GLN A 95 -4.71 -19.29 12.97
CA GLN A 95 -6.01 -19.82 13.38
C GLN A 95 -6.01 -20.20 14.86
N VAL A 96 -7.11 -19.90 15.51
CA VAL A 96 -7.34 -20.31 16.87
C VAL A 96 -8.75 -20.70 17.16
N GLN A 97 -8.82 -21.64 18.08
CA GLN A 97 -10.06 -22.13 18.61
C GLN A 97 -10.48 -21.38 19.82
N VAL A 98 -11.69 -20.90 19.72
CA VAL A 98 -12.36 -20.06 20.63
C VAL A 98 -13.55 -20.73 21.20
N PHE A 99 -13.92 -21.85 20.67
CA PHE A 99 -14.92 -22.65 21.33
C PHE A 99 -14.91 -24.10 20.93
N PRO A 100 -14.95 -25.04 21.87
CA PRO A 100 -14.87 -24.65 23.29
C PRO A 100 -13.53 -24.10 23.68
N PRO A 101 -13.49 -23.41 24.89
CA PRO A 101 -12.22 -22.73 25.14
C PRO A 101 -11.04 -23.62 25.37
N VAL A 102 -9.87 -23.15 25.01
CA VAL A 102 -8.64 -23.94 25.08
C VAL A 102 -7.85 -23.54 26.32
N GLY A 103 -8.05 -22.31 26.78
CA GLY A 103 -7.44 -21.82 28.00
C GLY A 103 -6.03 -21.32 27.81
N ALA A 104 -5.76 -20.79 26.62
CA ALA A 104 -4.44 -20.24 26.33
C ALA A 104 -4.55 -18.92 25.56
N SER A 105 -5.60 -18.16 25.85
CA SER A 105 -5.90 -16.94 25.12
C SER A 105 -4.97 -15.79 25.49
N GLY A 106 -4.42 -15.82 26.70
CA GLY A 106 -3.56 -14.76 27.18
C GLY A 106 -4.37 -13.63 27.79
N ALA A 107 -3.70 -12.53 28.13
CA ALA A 107 -4.36 -11.38 28.71
C ALA A 107 -5.34 -10.75 27.72
N THR A 108 -6.51 -10.39 28.23
CA THR A 108 -7.53 -9.74 27.40
C THR A 108 -7.31 -8.23 27.35
N THR A 109 -7.78 -7.60 26.28
CA THR A 109 -7.64 -6.16 26.11
C THR A 109 -8.87 -5.44 26.66
N ARG A 110 -8.79 -4.10 26.70
CA ARG A 110 -9.89 -3.29 27.21
C ARG A 110 -11.17 -3.49 26.38
N LEU A 111 -11.00 -3.52 25.07
CA LEU A 111 -12.10 -3.75 24.14
C LEU A 111 -12.74 -5.12 24.38
N GLN A 112 -11.89 -6.14 24.51
CA GLN A 112 -12.36 -7.49 24.74
C GLN A 112 -13.13 -7.60 26.06
N GLU A 113 -12.55 -7.06 27.12
CA GLU A 113 -13.19 -7.08 28.43
C GLU A 113 -14.53 -6.37 28.42
N SER A 114 -14.57 -5.22 27.75
CA SER A 114 -15.81 -4.46 27.61
C SER A 114 -16.87 -5.28 26.91
N LEU A 115 -16.53 -5.79 25.73
CA LEU A 115 -17.47 -6.57 24.93
C LEU A 115 -17.95 -7.83 25.64
N ILE A 116 -17.06 -8.48 26.39
CA ILE A 116 -17.43 -9.67 27.13
C ILE A 116 -18.40 -9.33 28.25
N LYS A 117 -18.03 -8.32 29.04
CA LYS A 117 -18.87 -7.90 30.17
C LYS A 117 -20.23 -7.40 29.70
N LYS A 118 -20.29 -6.95 28.45
CA LYS A 118 -21.50 -6.32 27.93
C LYS A 118 -22.42 -7.28 27.17
N LEU A 119 -21.84 -8.21 26.41
CA LEU A 119 -22.60 -9.08 25.52
C LEU A 119 -23.08 -10.37 26.19
N GLY A 120 -22.50 -10.70 27.34
CA GLY A 120 -22.91 -11.89 28.04
C GLY A 120 -21.81 -12.91 28.20
N ALA A 121 -22.20 -14.15 28.47
CA ALA A 121 -21.24 -15.19 28.84
C ALA A 121 -20.86 -16.11 27.69
N ASN A 122 -21.60 -16.06 26.61
CA ASN A 122 -21.30 -16.86 25.43
C ASN A 122 -20.31 -16.14 24.53
N THR A 123 -19.55 -15.23 25.13
CA THR A 123 -18.62 -14.37 24.41
C THR A 123 -17.19 -14.84 24.66
N TYR A 124 -16.44 -15.07 23.57
CA TYR A 124 -15.09 -15.61 23.69
C TYR A 124 -14.08 -14.76 22.92
N PRO A 125 -13.03 -14.30 23.60
CA PRO A 125 -12.07 -13.36 23.02
C PRO A 125 -11.11 -14.06 22.08
N PHE A 126 -10.56 -13.30 21.12
CA PHE A 126 -9.49 -13.82 20.28
C PHE A 126 -8.48 -12.73 19.93
N LEU A 127 -7.23 -13.14 19.77
CA LEU A 127 -6.15 -12.23 19.41
C LEU A 127 -5.34 -12.84 18.28
N LEU A 128 -5.26 -12.12 17.17
CA LEU A 128 -4.51 -12.61 16.01
C LEU A 128 -3.45 -11.61 15.59
N THR A 129 -2.20 -11.94 15.86
CA THR A 129 -1.09 -11.03 15.58
C THR A 129 -0.59 -11.12 14.14
N PHE A 130 -0.15 -9.98 13.61
CA PHE A 130 0.53 -9.95 12.32
C PHE A 130 2.02 -10.19 12.51
N PRO A 131 2.65 -10.89 11.55
CA PRO A 131 4.12 -11.00 11.52
C PRO A 131 4.75 -9.74 10.92
N ASP A 132 6.07 -9.72 10.79
CA ASP A 132 6.76 -8.53 10.29
C ASP A 132 7.13 -8.62 8.80
N TYR A 133 6.76 -9.71 8.15
CA TYR A 133 7.16 -9.92 6.76
C TYR A 133 6.01 -9.76 5.77
N LEU A 134 4.96 -9.08 6.20
CA LEU A 134 3.79 -8.86 5.33
C LEU A 134 3.81 -7.48 4.71
N PRO A 135 3.18 -7.35 3.52
CA PRO A 135 2.95 -6.03 2.95
C PRO A 135 1.69 -5.41 3.54
N CYS A 136 1.32 -4.23 3.06
CA CYS A 136 0.09 -3.58 3.50
C CYS A 136 -1.00 -3.72 2.43
N SER A 137 -2.19 -3.24 2.75
CA SER A 137 -3.32 -3.36 1.83
C SER A 137 -3.09 -2.60 0.53
N VAL A 138 -3.05 -3.33 -0.58
CA VAL A 138 -2.88 -2.71 -1.90
C VAL A 138 -3.74 -3.38 -2.96
N MET A 139 -4.44 -2.57 -3.76
CA MET A 139 -5.29 -3.06 -4.84
C MET A 139 -4.85 -2.44 -6.15
N LEU A 140 -5.04 -3.16 -7.25
CA LEU A 140 -4.66 -2.63 -8.54
C LEU A 140 -5.59 -3.13 -9.64
N GLN A 141 -6.30 -2.19 -10.26
CA GLN A 141 -7.16 -2.50 -11.40
C GLN A 141 -6.49 -1.99 -12.66
N PRO A 142 -6.40 -2.84 -13.70
CA PRO A 142 -5.70 -2.49 -14.94
C PRO A 142 -6.45 -1.49 -15.82
N ALA A 143 -5.68 -0.67 -16.54
CA ALA A 143 -6.23 0.26 -17.52
C ALA A 143 -6.22 -0.42 -18.89
N PRO A 144 -7.01 0.09 -19.85
CA PRO A 144 -7.07 -0.52 -21.19
C PRO A 144 -5.72 -0.68 -21.89
N GLN A 145 -4.78 0.21 -21.59
CA GLN A 145 -3.46 0.14 -22.20
C GLN A 145 -2.52 -0.79 -21.44
N ASP A 146 -3.04 -1.43 -20.40
CA ASP A 146 -2.26 -2.36 -19.59
C ASP A 146 -2.61 -3.82 -19.91
N VAL A 147 -1.59 -4.66 -19.97
CA VAL A 147 -1.77 -6.07 -20.33
C VAL A 147 -1.91 -6.96 -19.09
N GLY A 148 -1.85 -6.36 -17.91
CA GLY A 148 -1.96 -7.10 -16.67
C GLY A 148 -3.40 -7.29 -16.22
N LYS A 149 -3.62 -8.26 -15.34
CA LYS A 149 -4.95 -8.51 -14.80
C LYS A 149 -5.09 -7.81 -13.45
N SER A 150 -6.29 -7.81 -12.90
CA SER A 150 -6.52 -7.26 -11.56
C SER A 150 -5.76 -8.10 -10.53
N CYS A 151 -5.26 -7.45 -9.50
CA CYS A 151 -4.51 -8.15 -8.46
C CYS A 151 -4.52 -7.32 -7.20
N GLY A 152 -4.10 -7.92 -6.08
CA GLY A 152 -4.05 -7.18 -4.84
C GLY A 152 -3.70 -8.01 -3.63
N VAL A 153 -3.66 -7.36 -2.47
CA VAL A 153 -3.40 -8.04 -1.20
C VAL A 153 -4.56 -7.81 -0.24
N ASP A 154 -5.26 -8.89 0.10
CA ASP A 154 -6.42 -8.83 0.98
C ASP A 154 -6.09 -9.37 2.36
N PHE A 155 -6.72 -8.78 3.37
CA PHE A 155 -6.64 -9.27 4.73
C PHE A 155 -8.05 -9.61 5.20
N GLU A 156 -8.23 -10.84 5.67
CA GLU A 156 -9.57 -11.32 6.01
C GLU A 156 -9.60 -12.05 7.35
N ILE A 157 -10.51 -11.63 8.22
CA ILE A 157 -10.79 -12.35 9.45
C ILE A 157 -12.01 -13.23 9.20
N LYS A 158 -11.96 -14.49 9.66
CA LYS A 158 -13.11 -15.37 9.50
C LYS A 158 -13.42 -16.20 10.74
N ALA A 159 -14.65 -16.10 11.23
CA ALA A 159 -15.08 -16.94 12.34
C ALA A 159 -16.03 -18.01 11.83
N PHE A 160 -15.76 -19.27 12.14
CA PHE A 160 -16.60 -20.34 11.62
C PHE A 160 -16.81 -21.49 12.59
N ALA A 161 -17.95 -22.16 12.46
CA ALA A 161 -18.27 -23.35 13.23
C ALA A 161 -18.14 -24.59 12.36
N THR A 162 -17.46 -25.60 12.89
CA THR A 162 -17.26 -26.85 12.17
C THR A 162 -17.56 -28.04 13.08
N HIS A 163 -17.95 -29.16 12.48
CA HIS A 163 -18.27 -30.37 13.23
C HIS A 163 -18.15 -31.60 12.33
N SER A 164 -18.14 -32.77 12.96
CA SER A 164 -18.05 -34.02 12.21
C SER A 164 -19.26 -34.91 12.48
N THR A 165 -19.37 -35.99 11.73
CA THR A 165 -20.44 -36.95 11.92
C THR A 165 -20.02 -38.35 11.47
N ASP A 166 -20.94 -39.30 11.53
CA ASP A 166 -20.67 -40.68 11.14
C ASP A 166 -20.64 -40.86 9.63
N VAL A 167 -20.88 -39.77 8.91
CA VAL A 167 -20.91 -39.81 7.44
C VAL A 167 -19.94 -38.80 6.83
N GLU A 168 -19.53 -37.82 7.63
CA GLU A 168 -18.64 -36.76 7.14
C GLU A 168 -17.80 -36.17 8.27
N GLU A 169 -16.57 -35.79 7.94
CA GLU A 169 -15.67 -35.20 8.92
C GLU A 169 -15.22 -33.82 8.47
N ASP A 170 -14.91 -32.95 9.44
CA ASP A 170 -14.47 -31.59 9.19
C ASP A 170 -15.45 -30.81 8.31
N LYS A 171 -16.75 -30.96 8.60
CA LYS A 171 -17.79 -30.29 7.84
C LYS A 171 -17.99 -28.84 8.28
N ILE A 172 -17.74 -27.90 7.37
CA ILE A 172 -17.91 -26.48 7.66
C ILE A 172 -19.01 -25.85 6.80
N PRO A 173 -20.23 -25.77 7.34
CA PRO A 173 -21.35 -25.18 6.59
C PRO A 173 -21.19 -23.67 6.43
N LYS A 174 -21.65 -23.14 5.30
CA LYS A 174 -21.50 -21.73 5.00
C LYS A 174 -22.33 -20.87 5.95
N LYS A 175 -23.45 -21.42 6.42
CA LYS A 175 -24.35 -20.68 7.28
C LYS A 175 -23.76 -20.41 8.66
N SER A 176 -22.80 -21.23 9.07
CA SER A 176 -22.19 -21.10 10.40
C SER A 176 -20.89 -20.33 10.36
N SER A 177 -20.74 -19.42 9.41
CA SER A 177 -19.53 -18.65 9.32
C SER A 177 -19.66 -17.25 8.81
N VAL A 178 -18.77 -16.39 9.30
CA VAL A 178 -18.75 -14.98 8.95
C VAL A 178 -17.36 -14.52 8.54
N ARG A 179 -17.30 -13.57 7.62
CA ARG A 179 -16.05 -13.00 7.15
C ARG A 179 -16.07 -11.49 7.33
N LEU A 180 -14.90 -10.92 7.57
CA LEU A 180 -14.74 -9.48 7.66
C LEU A 180 -13.43 -9.09 6.99
N LEU A 181 -13.53 -8.29 5.94
CA LEU A 181 -12.35 -7.73 5.30
C LEU A 181 -11.77 -6.63 6.20
N ILE A 182 -10.46 -6.68 6.39
CA ILE A 182 -9.78 -5.66 7.19
C ILE A 182 -8.67 -4.98 6.40
N GLU A 183 -8.17 -3.89 6.92
CA GLU A 183 -7.19 -3.13 6.25
C GLU A 183 -5.91 -3.23 7.05
N LYS A 184 -4.77 -3.18 6.41
CA LYS A 184 -3.49 -3.07 7.09
C LYS A 184 -2.78 -1.84 6.55
N VAL A 185 -2.65 -0.81 7.39
CA VAL A 185 -2.26 0.53 6.93
C VAL A 185 -0.83 0.91 7.28
N GLN A 186 -0.07 1.37 6.29
CA GLN A 186 1.32 1.74 6.50
C GLN A 186 1.49 3.12 7.14
N HIS A 187 2.08 3.15 8.33
CA HIS A 187 2.39 4.41 9.00
C HIS A 187 3.89 4.58 9.15
N ALA A 188 4.33 5.84 9.23
CA ALA A 188 5.75 6.14 9.33
C ALA A 188 6.39 5.58 10.59
N PRO A 189 7.59 4.99 10.45
CA PRO A 189 8.37 4.51 11.60
C PRO A 189 9.03 5.68 12.32
N ARG A 190 9.79 5.41 13.37
CA ARG A 190 10.45 6.46 14.13
C ARG A 190 11.55 7.12 13.31
N ASP A 191 12.46 6.33 12.80
CA ASP A 191 13.54 6.86 12.00
C ASP A 191 13.17 7.16 10.58
N MET A 192 14.14 7.57 9.81
CA MET A 192 13.87 7.97 8.44
C MET A 192 15.17 7.95 7.64
N GLY A 193 15.07 7.73 6.33
CA GLY A 193 16.25 7.64 5.49
C GLY A 193 17.00 8.95 5.36
N PRO A 194 18.18 8.90 4.71
CA PRO A 194 18.98 10.10 4.43
C PRO A 194 18.24 11.03 3.47
N GLN A 195 18.67 12.29 3.39
CA GLN A 195 18.03 13.24 2.49
C GLN A 195 18.20 12.81 1.04
N PRO A 196 17.07 12.69 0.32
CA PRO A 196 17.06 12.36 -1.11
C PRO A 196 17.83 13.38 -1.94
N ARG A 197 18.90 12.92 -2.61
CA ARG A 197 19.70 13.78 -3.46
C ARG A 197 19.97 13.09 -4.79
N ALA A 198 20.19 13.89 -5.82
CA ALA A 198 20.50 13.38 -7.16
C ALA A 198 21.32 14.40 -7.93
N GLU A 199 22.07 13.90 -8.87
CA GLU A 199 22.80 14.74 -9.74
C GLU A 199 23.04 14.05 -11.08
N ALA A 200 22.65 14.69 -12.15
CA ALA A 200 22.87 14.14 -13.47
C ALA A 200 23.49 15.18 -14.38
N SER A 201 24.41 14.77 -15.23
CA SER A 201 25.07 15.68 -16.15
C SER A 201 24.91 15.15 -17.58
N TRP A 202 24.75 16.05 -18.55
CA TRP A 202 24.60 15.63 -19.94
C TRP A 202 25.52 16.39 -20.87
N GLN A 203 26.21 15.66 -21.76
CA GLN A 203 26.90 16.30 -22.87
C GLN A 203 26.27 15.84 -24.17
N PHE A 204 25.70 16.78 -24.91
CA PHE A 204 24.99 16.47 -26.14
C PHE A 204 25.93 16.34 -27.34
N PHE A 205 25.40 15.85 -28.45
CA PHE A 205 26.18 15.57 -29.65
C PHE A 205 26.85 16.83 -30.23
N MET A 206 28.14 16.69 -30.54
CA MET A 206 28.95 17.75 -31.18
C MET A 206 29.42 18.87 -30.24
N SER A 207 29.15 18.75 -28.95
CA SER A 207 29.60 19.72 -27.98
C SER A 207 29.86 19.15 -26.59
N ASP A 208 31.05 19.36 -26.06
CA ASP A 208 31.41 18.83 -24.75
C ASP A 208 30.93 19.72 -23.60
N LYS A 209 30.14 20.74 -23.96
CA LYS A 209 29.55 21.63 -22.96
C LYS A 209 28.41 20.93 -22.22
N PRO A 210 28.51 20.87 -20.88
CA PRO A 210 27.58 20.08 -20.06
C PRO A 210 26.33 20.83 -19.63
N LEU A 211 25.29 20.05 -19.34
CA LEU A 211 24.09 20.53 -18.68
C LEU A 211 23.96 19.74 -17.38
N ARG A 212 24.20 20.41 -16.25
CA ARG A 212 24.16 19.75 -14.95
C ARG A 212 22.84 20.01 -14.23
N LEU A 213 22.40 19.01 -13.48
CA LEU A 213 21.12 19.09 -12.78
C LEU A 213 21.24 18.42 -11.43
N ALA A 214 21.19 19.23 -10.36
CA ALA A 214 21.17 18.69 -9.01
C ALA A 214 19.75 18.79 -8.48
N VAL A 215 19.29 17.73 -7.81
CA VAL A 215 17.93 17.71 -7.28
C VAL A 215 17.91 17.22 -5.84
N SER A 216 17.27 17.98 -4.95
CA SER A 216 17.15 17.53 -3.57
C SER A 216 15.71 17.61 -3.08
N LEU A 217 15.36 16.73 -2.15
CA LEU A 217 14.08 16.82 -1.46
C LEU A 217 14.33 17.22 -0.02
N SER A 218 13.30 17.73 0.65
CA SER A 218 13.45 18.17 2.03
C SER A 218 13.71 16.98 2.96
N LYS A 219 12.99 15.90 2.75
CA LYS A 219 13.14 14.70 3.56
C LYS A 219 12.83 13.44 2.76
N GLU A 220 13.05 12.28 3.38
CA GLU A 220 12.96 11.00 2.67
C GLU A 220 11.59 10.35 2.79
N ILE A 221 10.82 10.76 3.80
CA ILE A 221 9.47 10.22 3.99
C ILE A 221 8.41 11.31 3.98
N TYR A 222 7.38 11.11 3.15
CA TYR A 222 6.27 12.05 3.07
C TYR A 222 4.93 11.39 3.39
N TYR A 223 4.01 12.20 3.87
CA TYR A 223 2.70 11.72 4.28
C TYR A 223 1.65 12.03 3.23
N HIS A 224 0.64 11.23 3.15
CA HIS A 224 -0.35 11.43 2.17
C HIS A 224 -1.00 12.76 2.39
N GLY A 225 -0.79 13.67 1.46
CA GLY A 225 -1.36 14.99 1.52
C GLY A 225 -0.32 16.05 1.86
N GLU A 226 0.84 15.61 2.31
CA GLU A 226 1.92 16.52 2.66
C GLU A 226 2.61 17.07 1.41
N PRO A 227 2.88 18.38 1.38
CA PRO A 227 3.60 19.02 0.28
C PRO A 227 5.04 18.53 0.17
N ILE A 228 5.47 18.25 -1.05
CA ILE A 228 6.84 17.79 -1.29
C ILE A 228 7.63 18.87 -2.03
N PRO A 229 8.60 19.47 -1.33
CA PRO A 229 9.48 20.50 -1.88
C PRO A 229 10.65 19.92 -2.67
N VAL A 230 10.58 20.03 -3.99
CA VAL A 230 11.65 19.60 -4.87
C VAL A 230 12.53 20.78 -5.24
N THR A 231 13.78 20.76 -4.77
CA THR A 231 14.75 21.79 -5.11
C THR A 231 15.57 21.38 -6.34
N VAL A 232 15.49 22.22 -7.37
CA VAL A 232 16.10 21.96 -8.66
C VAL A 232 17.17 23.00 -8.96
N ALA A 233 18.37 22.52 -9.24
CA ALA A 233 19.50 23.38 -9.59
C ALA A 233 20.06 23.02 -10.96
N VAL A 234 19.73 23.84 -11.95
CA VAL A 234 20.19 23.64 -13.31
C VAL A 234 21.37 24.55 -13.64
N THR A 235 22.50 23.93 -13.93
CA THR A 235 23.69 24.64 -14.37
C THR A 235 23.90 24.36 -15.85
N ASN A 236 23.46 25.30 -16.69
CA ASN A 236 23.44 25.10 -18.14
C ASN A 236 24.62 25.76 -18.84
N SER A 237 25.62 24.96 -19.21
CA SER A 237 26.80 25.48 -19.88
C SER A 237 26.68 25.33 -21.40
N THR A 238 25.52 24.86 -21.86
CA THR A 238 25.34 24.57 -23.28
C THR A 238 24.88 25.79 -24.07
N GLU A 239 24.92 25.67 -25.39
CA GLU A 239 24.45 26.72 -26.27
C GLU A 239 22.94 26.58 -26.42
N LYS A 240 22.42 25.43 -25.99
CA LYS A 240 21.00 25.17 -26.00
C LYS A 240 20.27 25.95 -24.90
N THR A 241 18.96 26.09 -25.06
CA THR A 241 18.13 26.74 -24.05
C THR A 241 17.27 25.68 -23.37
N VAL A 242 17.22 25.71 -22.04
CA VAL A 242 16.31 24.83 -21.32
C VAL A 242 14.91 25.43 -21.37
N LYS A 243 14.16 25.03 -22.39
CA LYS A 243 12.83 25.57 -22.64
C LYS A 243 11.87 25.26 -21.51
N LYS A 244 11.93 24.05 -20.97
CA LYS A 244 10.95 23.69 -19.96
C LYS A 244 11.51 22.86 -18.80
N ILE A 245 11.08 23.17 -17.59
CA ILE A 245 11.42 22.37 -16.42
C ILE A 245 10.17 21.78 -15.81
N LYS A 246 10.04 20.45 -15.90
CA LYS A 246 8.85 19.76 -15.42
C LYS A 246 9.20 18.84 -14.26
N VAL A 247 8.38 18.86 -13.21
CA VAL A 247 8.61 18.00 -12.06
C VAL A 247 7.38 17.14 -11.77
N LEU A 248 7.56 15.82 -11.79
CA LEU A 248 6.46 14.89 -11.59
C LEU A 248 6.68 14.04 -10.35
N VAL A 249 5.57 13.53 -9.80
CA VAL A 249 5.64 12.43 -8.85
C VAL A 249 5.13 11.19 -9.57
N GLU A 250 6.04 10.25 -9.82
CA GLU A 250 5.69 9.00 -10.47
C GLU A 250 5.52 7.88 -9.45
N GLN A 251 4.42 7.13 -9.61
CA GLN A 251 4.20 5.92 -8.82
C GLN A 251 4.62 4.72 -9.66
N VAL A 252 5.67 4.04 -9.22
CA VAL A 252 6.11 2.83 -9.89
C VAL A 252 5.61 1.61 -9.11
N THR A 253 4.95 0.70 -9.82
CA THR A 253 4.45 -0.51 -9.18
C THR A 253 4.84 -1.77 -9.95
N ASN A 254 5.36 -2.76 -9.22
CA ASN A 254 5.85 -4.00 -9.77
C ASN A 254 5.16 -5.21 -9.16
N VAL A 255 4.31 -5.88 -9.93
CA VAL A 255 3.73 -7.15 -9.51
C VAL A 255 4.82 -8.20 -9.57
N VAL A 256 5.12 -8.81 -8.44
CA VAL A 256 6.22 -9.73 -8.32
C VAL A 256 5.89 -11.18 -8.05
N LEU A 257 4.62 -11.52 -8.04
CA LEU A 257 4.22 -12.88 -7.99
C LEU A 257 3.38 -13.18 -9.18
N TYR A 258 3.51 -14.39 -9.66
CA TYR A 258 2.63 -14.92 -10.66
C TYR A 258 2.84 -14.34 -12.03
N SER A 259 2.71 -13.04 -12.17
CA SER A 259 2.99 -12.40 -13.42
C SER A 259 3.85 -11.22 -13.18
N SER A 260 4.78 -10.96 -14.06
CA SER A 260 5.69 -9.84 -13.93
C SER A 260 5.18 -8.56 -14.57
N ASP A 261 4.21 -7.93 -13.95
CA ASP A 261 3.59 -6.72 -14.49
C ASP A 261 4.26 -5.46 -13.96
N TYR A 262 4.34 -4.45 -14.82
CA TYR A 262 4.97 -3.18 -14.47
C TYR A 262 4.02 -2.02 -14.78
N TYR A 263 3.92 -1.08 -13.85
CA TYR A 263 3.11 0.11 -14.07
C TYR A 263 3.91 1.34 -13.65
N ILE A 264 3.67 2.46 -14.33
CA ILE A 264 4.23 3.74 -13.92
C ILE A 264 3.30 4.88 -14.28
N LYS A 265 2.77 5.55 -13.28
CA LYS A 265 1.85 6.63 -13.51
C LYS A 265 2.25 7.90 -12.85
N THR A 266 1.97 8.99 -13.50
CA THR A 266 2.16 10.32 -12.92
C THR A 266 0.97 10.61 -12.02
N VAL A 267 1.23 10.93 -10.76
CA VAL A 267 0.14 11.22 -9.83
C VAL A 267 0.20 12.65 -9.35
N ALA A 268 1.16 13.40 -9.91
CA ALA A 268 1.33 14.82 -9.58
C ALA A 268 2.31 15.45 -10.56
N ALA A 269 2.09 16.72 -10.89
CA ALA A 269 2.93 17.40 -11.88
C ALA A 269 2.90 18.92 -11.74
N GLU A 270 4.07 19.56 -11.84
CA GLU A 270 4.22 21.01 -11.88
C GLU A 270 5.30 21.45 -12.85
N GLU A 271 5.07 22.53 -13.56
CA GLU A 271 6.09 23.12 -14.40
C GLU A 271 6.69 24.33 -13.70
N ALA A 272 7.77 24.86 -14.22
CA ALA A 272 8.51 25.92 -13.54
C ALA A 272 8.05 27.32 -13.93
N GLN A 273 7.43 27.43 -15.10
CA GLN A 273 7.05 28.73 -15.66
C GLN A 273 8.25 29.65 -15.77
N GLU A 274 9.40 29.05 -16.07
CA GLU A 274 10.66 29.77 -16.11
C GLU A 274 11.65 28.96 -16.94
N LYS A 275 12.45 29.64 -17.75
CA LYS A 275 13.39 28.96 -18.64
C LYS A 275 14.82 29.14 -18.16
N VAL A 276 15.75 28.43 -18.79
CA VAL A 276 17.16 28.61 -18.53
C VAL A 276 17.89 28.82 -19.86
N PRO A 277 18.27 30.07 -20.15
CA PRO A 277 18.97 30.48 -21.37
C PRO A 277 20.33 29.80 -21.49
N PRO A 278 20.96 29.90 -22.68
CA PRO A 278 22.31 29.33 -22.81
C PRO A 278 23.29 30.02 -21.87
N ASN A 279 24.25 29.26 -21.35
CA ASN A 279 25.25 29.79 -20.41
C ASN A 279 24.60 30.47 -19.20
N SER A 280 23.63 29.80 -18.61
CA SER A 280 22.90 30.34 -17.47
C SER A 280 22.68 29.31 -16.37
N SER A 281 22.42 29.78 -15.16
CA SER A 281 22.11 28.90 -14.05
C SER A 281 20.78 29.30 -13.42
N LEU A 282 20.11 28.33 -12.79
CA LEU A 282 18.85 28.61 -12.13
C LEU A 282 18.56 27.61 -11.03
N THR A 283 18.24 28.11 -9.85
CA THR A 283 17.78 27.24 -8.76
C THR A 283 16.38 27.63 -8.33
N LYS A 284 15.46 26.68 -8.40
CA LYS A 284 14.07 26.94 -8.04
C LYS A 284 13.54 25.81 -7.16
N THR A 285 12.47 26.09 -6.41
CA THR A 285 11.71 25.10 -5.59
C THR A 285 10.23 25.01 -5.95
N LEU A 286 9.86 23.82 -6.36
CA LEU A 286 8.54 23.46 -6.79
C LEU A 286 8.11 22.45 -5.73
N THR A 287 6.82 22.47 -5.41
CA THR A 287 6.13 21.73 -4.34
C THR A 287 5.11 20.81 -5.02
N LEU A 288 5.21 19.47 -4.91
CA LEU A 288 4.29 18.50 -5.51
C LEU A 288 3.46 17.84 -4.38
N VAL A 289 2.15 17.72 -4.50
CA VAL A 289 1.36 16.90 -3.55
C VAL A 289 0.76 15.70 -4.31
N PRO A 290 1.28 14.47 -4.19
CA PRO A 290 0.74 13.28 -4.86
C PRO A 290 -0.57 12.83 -4.22
N LEU A 291 -1.67 13.06 -4.92
CA LEU A 291 -2.99 12.66 -4.44
C LEU A 291 -3.72 11.83 -5.49
N LEU A 292 -4.56 10.91 -5.04
CA LEU A 292 -5.37 10.12 -5.95
C LEU A 292 -6.42 11.00 -6.63
N ALA A 293 -6.85 12.04 -5.91
CA ALA A 293 -7.84 12.97 -6.43
C ALA A 293 -7.31 13.82 -7.58
N ASN A 294 -5.99 13.82 -7.77
CA ASN A 294 -5.37 14.56 -8.86
C ASN A 294 -5.74 14.03 -10.24
N ASN A 295 -6.18 12.79 -10.29
CA ASN A 295 -6.67 12.26 -11.55
C ASN A 295 -7.88 11.38 -11.36
N ARG A 296 -8.89 11.65 -12.16
CA ARG A 296 -10.19 11.00 -12.08
C ARG A 296 -10.07 9.56 -12.49
N GLU A 297 -8.99 9.26 -13.19
CA GLU A 297 -8.73 7.92 -13.64
C GLU A 297 -8.04 7.14 -12.56
N ARG A 298 -8.68 6.10 -12.06
CA ARG A 298 -8.11 5.36 -10.96
C ARG A 298 -7.50 4.06 -11.41
N ARG A 299 -7.41 3.86 -12.70
CA ARG A 299 -7.01 2.59 -13.23
C ARG A 299 -5.59 2.59 -13.67
N GLY A 300 -4.89 1.51 -13.37
CA GLY A 300 -3.46 1.46 -13.65
C GLY A 300 -2.65 1.99 -12.48
N ILE A 301 -3.32 2.23 -11.36
CA ILE A 301 -2.68 2.79 -10.18
C ILE A 301 -2.85 1.85 -8.99
N ALA A 302 -1.79 1.72 -8.18
CA ALA A 302 -1.87 0.95 -6.95
C ALA A 302 -2.54 1.76 -5.85
N LEU A 303 -3.67 1.25 -5.35
CA LEU A 303 -4.44 1.92 -4.31
C LEU A 303 -4.39 1.15 -3.01
N ASP A 304 -5.05 1.65 -1.97
CA ASP A 304 -5.06 0.96 -0.67
C ASP A 304 -6.43 0.39 -0.31
N GLY A 305 -7.37 0.45 -1.25
CA GLY A 305 -8.71 -0.06 -1.02
C GLY A 305 -9.46 -0.23 -2.32
N LYS A 306 -10.77 -0.53 -2.23
CA LYS A 306 -11.60 -0.68 -3.41
C LYS A 306 -11.57 0.56 -4.29
N ILE A 307 -11.43 0.32 -5.58
CA ILE A 307 -11.18 1.38 -6.51
C ILE A 307 -12.36 2.27 -6.66
N LYS A 308 -13.47 1.92 -6.03
CA LYS A 308 -14.67 2.74 -6.17
C LYS A 308 -15.11 3.32 -4.87
N HIS A 309 -14.41 3.01 -3.79
CA HIS A 309 -14.73 3.60 -2.53
C HIS A 309 -14.27 5.01 -2.56
N GLU A 310 -14.43 5.72 -1.47
CA GLU A 310 -14.21 7.15 -1.44
C GLU A 310 -13.01 7.52 -0.63
N ASP A 311 -12.74 6.79 0.44
CA ASP A 311 -11.56 7.05 1.22
C ASP A 311 -10.40 6.28 0.70
N THR A 312 -10.53 5.77 -0.50
CA THR A 312 -9.38 5.09 -1.10
C THR A 312 -8.26 6.08 -1.44
N ASN A 313 -7.04 5.74 -1.05
CA ASN A 313 -5.88 6.56 -1.37
C ASN A 313 -4.89 5.82 -2.26
N LEU A 314 -3.84 6.52 -2.67
CA LEU A 314 -2.72 5.89 -3.33
C LEU A 314 -2.07 4.94 -2.33
N ALA A 315 -1.64 3.78 -2.81
CA ALA A 315 -0.97 2.82 -1.93
C ALA A 315 0.30 3.45 -1.34
N SER A 316 0.59 3.10 -0.10
CA SER A 316 1.81 3.58 0.55
C SER A 316 3.01 2.82 0.00
N SER A 317 4.19 3.42 0.10
CA SER A 317 5.42 2.78 -0.34
C SER A 317 5.62 1.44 0.35
N THR A 318 5.94 0.41 -0.43
CA THR A 318 6.25 -0.89 0.12
C THR A 318 7.53 -0.81 0.95
N ILE A 319 7.46 -1.22 2.21
CA ILE A 319 8.64 -1.21 3.07
C ILE A 319 9.18 -2.63 3.24
N ILE A 320 10.18 -2.96 2.47
CA ILE A 320 10.71 -4.29 2.51
C ILE A 320 11.70 -4.43 3.60
N LYS A 321 11.40 -5.34 4.52
CA LYS A 321 12.21 -5.58 5.69
C LYS A 321 13.46 -6.33 5.29
N GLU A 322 14.57 -5.99 5.91
CA GLU A 322 15.82 -6.54 5.50
C GLU A 322 15.94 -8.04 5.65
N GLY A 323 16.43 -8.67 4.60
CA GLY A 323 16.66 -10.08 4.62
C GLY A 323 15.51 -10.82 4.00
N ILE A 324 14.49 -10.10 3.61
CA ILE A 324 13.30 -10.76 3.12
C ILE A 324 13.29 -10.73 1.60
N ASP A 325 12.78 -11.79 1.00
CA ASP A 325 12.74 -11.93 -0.44
C ASP A 325 11.55 -11.19 -0.98
N LYS A 326 11.77 -10.24 -1.87
CA LYS A 326 10.76 -9.25 -2.23
C LYS A 326 9.46 -9.87 -2.76
N THR A 327 9.57 -11.02 -3.39
CA THR A 327 8.42 -11.66 -4.02
C THR A 327 7.30 -12.03 -3.04
N VAL A 328 7.61 -12.13 -1.76
CA VAL A 328 6.59 -12.45 -0.77
C VAL A 328 5.73 -11.24 -0.42
N MET A 329 6.03 -10.10 -1.04
CA MET A 329 5.24 -8.89 -0.85
C MET A 329 4.11 -8.82 -1.87
N GLY A 330 4.23 -9.61 -2.93
CA GLY A 330 3.20 -9.68 -3.96
C GLY A 330 3.25 -8.50 -4.90
N ILE A 331 3.07 -7.30 -4.35
CA ILE A 331 3.12 -6.08 -5.13
C ILE A 331 4.07 -5.07 -4.49
N LEU A 332 5.08 -4.65 -5.26
CA LEU A 332 6.04 -3.65 -4.79
C LEU A 332 5.62 -2.27 -5.26
N VAL A 333 5.43 -1.36 -4.31
CA VAL A 333 5.02 0.00 -4.66
C VAL A 333 6.08 1.00 -4.22
N SER A 334 6.41 1.93 -5.11
CA SER A 334 7.42 2.93 -4.82
C SER A 334 7.10 4.27 -5.48
N TYR A 335 7.73 5.33 -4.99
CA TYR A 335 7.47 6.67 -5.49
C TYR A 335 8.76 7.41 -5.82
N GLN A 336 8.73 8.20 -6.88
CA GLN A 336 9.92 8.96 -7.24
C GLN A 336 9.57 10.34 -7.77
N ILE A 337 10.43 11.31 -7.50
CA ILE A 337 10.34 12.61 -8.14
C ILE A 337 11.10 12.53 -9.45
N LYS A 338 10.47 12.94 -10.53
CA LYS A 338 11.13 12.94 -11.83
C LYS A 338 11.26 14.37 -12.32
N VAL A 339 12.50 14.80 -12.57
CA VAL A 339 12.74 16.11 -13.14
C VAL A 339 13.10 15.96 -14.62
N LYS A 340 12.23 16.51 -15.47
CA LYS A 340 12.43 16.49 -16.91
C LYS A 340 12.82 17.88 -17.41
N LEU A 341 13.90 17.93 -18.18
CA LEU A 341 14.34 19.16 -18.81
C LEU A 341 14.14 19.07 -20.31
N THR A 342 13.36 20.00 -20.85
CA THR A 342 13.17 20.13 -22.29
C THR A 342 14.11 21.20 -22.80
N VAL A 343 15.07 20.77 -23.63
CA VAL A 343 16.08 21.66 -24.19
C VAL A 343 15.87 21.91 -25.69
N SER A 344 16.26 23.09 -26.15
CA SER A 344 16.04 23.50 -27.53
C SER A 344 16.98 22.82 -28.51
N GLY A 345 16.57 22.77 -29.78
CA GLY A 345 17.42 22.25 -30.83
C GLY A 345 18.25 23.35 -31.47
N LEU A 346 19.51 23.06 -31.76
CA LEU A 346 20.37 24.03 -32.42
C LEU A 346 20.08 24.03 -33.91
N LEU A 347 20.72 24.94 -34.62
CA LEU A 347 20.51 25.06 -36.06
C LEU A 347 20.94 23.78 -36.76
N GLY A 348 19.99 23.14 -37.44
CA GLY A 348 20.24 21.88 -38.10
C GLY A 348 19.43 20.76 -37.48
N GLU A 349 19.17 20.87 -36.18
CA GLU A 349 18.39 19.85 -35.47
C GLU A 349 16.91 19.96 -35.82
N LEU A 350 16.25 18.82 -35.91
CA LEU A 350 14.86 18.77 -36.35
C LEU A 350 13.87 19.08 -35.23
N THR A 351 14.15 18.60 -34.02
CA THR A 351 13.24 18.75 -32.89
C THR A 351 13.98 19.22 -31.63
N SER A 352 13.22 19.38 -30.55
CA SER A 352 13.81 19.65 -29.24
C SER A 352 14.25 18.31 -28.64
N SER A 353 14.87 18.38 -27.47
CA SER A 353 15.29 17.17 -26.77
C SER A 353 14.75 17.18 -25.35
N GLU A 354 14.71 16.01 -24.73
CA GLU A 354 14.29 15.90 -23.35
C GLU A 354 15.21 14.97 -22.57
N VAL A 355 15.82 15.49 -21.50
CA VAL A 355 16.57 14.65 -20.58
C VAL A 355 15.82 14.58 -19.25
N ALA A 356 16.15 13.61 -18.41
CA ALA A 356 15.44 13.50 -17.14
C ALA A 356 16.26 12.75 -16.08
N THR A 357 15.99 13.07 -14.83
CA THR A 357 16.57 12.31 -13.73
C THR A 357 15.49 11.99 -12.71
N GLU A 358 15.76 11.00 -11.86
CA GLU A 358 14.79 10.56 -10.87
C GLU A 358 15.43 10.46 -9.49
N VAL A 359 14.66 10.81 -8.47
CA VAL A 359 15.09 10.66 -7.09
C VAL A 359 13.99 10.03 -6.24
N PRO A 360 14.28 8.87 -5.64
CA PRO A 360 13.26 8.08 -4.94
C PRO A 360 12.87 8.67 -3.59
N PHE A 361 11.65 8.37 -3.14
CA PHE A 361 11.22 8.72 -1.79
C PHE A 361 10.09 7.78 -1.36
N ARG A 362 9.78 7.78 -0.06
CA ARG A 362 8.74 6.92 0.46
C ARG A 362 7.50 7.69 0.92
N LEU A 363 6.33 7.16 0.59
CA LEU A 363 5.07 7.82 0.93
C LEU A 363 4.22 6.91 1.80
N MET A 364 3.68 7.47 2.88
CA MET A 364 2.85 6.68 3.80
C MET A 364 2.09 7.58 4.77
N HIS A 365 1.40 6.98 5.73
CA HIS A 365 0.63 7.73 6.71
C HIS A 365 1.51 8.19 7.87
N PRO A 366 1.09 9.24 8.60
CA PRO A 366 1.93 9.82 9.66
C PRO A 366 2.18 8.86 10.81
N GLN A 367 3.07 9.24 11.72
CA GLN A 367 3.42 8.41 12.88
C GLN A 367 2.24 8.29 13.82
N PRO A 368 2.11 7.13 14.49
CA PRO A 368 1.01 6.91 15.43
C PRO A 368 1.09 7.83 16.63
#